data_2NNI
#
_entry.id   2NNI
#
_cell.length_a   74.140
_cell.length_b   140.520
_cell.length_c   164.540
_cell.angle_alpha   90.00
_cell.angle_beta   90.00
_cell.angle_gamma   90.00
#
_symmetry.space_group_name_H-M   'I 2 2 2'
#
loop_
_entity.id
_entity.type
_entity.pdbx_description
1 polymer 'Cytochrome P450 2C8'
2 non-polymer 'SULFATE ION'
3 non-polymer 'PROTOPORPHYRIN IX CONTAINING FE'
4 non-polymer MONTELUKAST
5 non-polymer 'PALMITIC ACID'
6 water water
#
_entity_poly.entity_id   1
_entity_poly.type   'polypeptide(L)'
_entity_poly.pdbx_seq_one_letter_code
;MAKKTSSKGKLPPGPTPLPIIGNMLQIDVKDICKSFTNFSKVYGPVFTVYFGMNPIVVFHGYEAVKEALIDNGEEFSGRG
NSPISQRITKGLGIISSNGKRWKEIRRFSLTTLRNFGMGKRSIEDRVQEEAHCLVEELRKTKASPCDPTFILGCAPCNVI
CSVVFQKRFDYKDQNFLTLMKRFNENFRILNSPWIQVCNNFPLLIDCFPGTHNKVLKNVALTRSYIREKVKEHQASLDVN
NPRDFIDCFLIKMEQEKDNQKSEFNIENLVGTVADLFVAGTETTSTTLRYGLLLLLKHPEVTAKVQEEIDHVIGRHRSPC
MQDRSHMPYTDAVVHEIQRYSDLVPTGVPHAVTTDTKFRNYLIPKGTTIMALLTSVLHDDKEFPNPNIFDPGHFLDKNGN
FKKSDYFMPFSAGKRICAGEGLARMELFLFLTTILQNFNLKSVDDLKNLNTTAVTKGIVSLPPSYQICFIPVHHHH
;
_entity_poly.pdbx_strand_id   A
#
# COMPACT_ATOMS: atom_id res chain seq x y z
N LYS A 10 -17.12 28.04 -5.29
CA LYS A 10 -17.93 27.72 -4.08
C LYS A 10 -17.39 26.47 -3.37
N LEU A 11 -16.14 26.54 -2.90
CA LEU A 11 -15.53 25.43 -2.19
C LEU A 11 -16.24 25.28 -0.86
N PRO A 12 -16.14 24.09 -0.25
CA PRO A 12 -16.79 23.86 1.04
C PRO A 12 -16.15 24.75 2.11
N PRO A 13 -16.86 24.98 3.23
CA PRO A 13 -16.34 25.81 4.32
C PRO A 13 -14.98 25.35 4.83
N GLY A 14 -14.50 25.98 5.90
CA GLY A 14 -13.21 25.60 6.47
C GLY A 14 -12.51 26.72 7.22
N PRO A 15 -11.38 26.43 7.88
CA PRO A 15 -10.64 27.44 8.64
C PRO A 15 -10.16 28.51 7.69
N THR A 16 -10.53 29.76 7.91
CA THR A 16 -10.09 30.83 7.03
C THR A 16 -8.58 30.90 7.15
N PRO A 17 -7.89 30.82 6.02
CA PRO A 17 -6.43 30.85 5.93
C PRO A 17 -5.77 32.19 6.14
N LEU A 18 -4.48 32.14 6.44
CA LEU A 18 -3.67 33.32 6.60
C LEU A 18 -3.07 33.51 5.22
N PRO A 19 -2.55 34.71 4.93
CA PRO A 19 -1.96 34.89 3.59
C PRO A 19 -0.59 34.21 3.43
N ILE A 20 -0.31 33.78 2.20
CA ILE A 20 0.95 33.12 1.85
C ILE A 20 1.13 31.69 2.36
N ILE A 21 0.85 31.44 3.63
CA ILE A 21 1.03 30.10 4.18
C ILE A 21 -0.23 29.22 4.24
N GLY A 22 -1.40 29.84 4.41
CA GLY A 22 -2.63 29.07 4.48
C GLY A 22 -2.94 28.68 5.92
N ASN A 23 -3.37 27.44 6.13
CA ASN A 23 -3.69 27.00 7.48
C ASN A 23 -2.54 26.20 8.10
N MET A 24 -1.47 26.03 7.35
CA MET A 24 -0.32 25.25 7.80
C MET A 24 -0.12 25.21 9.32
N LEU A 25 0.08 26.37 9.94
CA LEU A 25 0.30 26.41 11.39
C LEU A 25 -0.94 26.12 12.25
N GLN A 26 -1.96 25.52 11.64
CA GLN A 26 -3.19 25.17 12.34
C GLN A 26 -3.38 23.66 12.21
N ILE A 27 -2.44 23.03 11.52
CA ILE A 27 -2.44 21.60 11.26
C ILE A 27 -1.16 20.96 11.78
N ASP A 28 -1.29 19.96 12.67
CA ASP A 28 -0.12 19.27 13.17
C ASP A 28 0.41 18.49 11.97
N VAL A 29 1.54 18.91 11.41
CA VAL A 29 2.09 18.26 10.23
C VAL A 29 2.45 16.79 10.49
N LYS A 30 2.66 16.44 11.75
CA LYS A 30 2.98 15.07 12.07
C LYS A 30 1.67 14.28 11.90
N ASP A 31 0.80 14.30 12.90
CA ASP A 31 -0.47 13.57 12.79
C ASP A 31 -1.59 14.45 12.21
N ILE A 32 -1.38 14.84 10.96
CA ILE A 32 -2.33 15.68 10.24
C ILE A 32 -3.76 15.14 10.21
N CYS A 33 -3.94 13.87 10.49
CA CYS A 33 -5.30 13.33 10.49
C CYS A 33 -6.04 13.74 11.75
N LYS A 34 -5.34 13.77 12.88
CA LYS A 34 -6.00 14.17 14.12
C LYS A 34 -6.46 15.61 13.90
N SER A 35 -5.68 16.35 13.12
CA SER A 35 -6.03 17.75 12.84
C SER A 35 -7.32 17.81 12.05
N PHE A 36 -7.37 17.07 10.95
CA PHE A 36 -8.58 17.03 10.12
C PHE A 36 -9.81 16.62 10.92
N THR A 37 -9.69 15.59 11.75
CA THR A 37 -10.81 15.11 12.55
C THR A 37 -11.40 16.24 13.41
N ASN A 38 -10.52 17.07 13.98
CA ASN A 38 -11.00 18.15 14.81
C ASN A 38 -11.68 19.20 13.95
N PHE A 39 -11.22 19.38 12.73
CA PHE A 39 -11.82 20.37 11.84
C PHE A 39 -13.25 19.95 11.53
N SER A 40 -13.44 18.65 11.28
CA SER A 40 -14.74 18.08 10.95
C SER A 40 -15.76 18.36 12.04
N LYS A 41 -15.32 18.35 13.29
CA LYS A 41 -16.22 18.63 14.40
C LYS A 41 -16.59 20.12 14.41
N VAL A 42 -16.06 20.88 13.46
CA VAL A 42 -16.33 22.30 13.40
C VAL A 42 -16.85 22.78 12.04
N TYR A 43 -16.79 21.92 11.03
CA TYR A 43 -17.25 22.30 9.69
C TYR A 43 -17.99 21.18 9.01
N GLY A 44 -18.11 20.04 9.70
CA GLY A 44 -18.83 18.93 9.14
C GLY A 44 -18.01 18.01 8.25
N PRO A 45 -18.69 17.08 7.53
CA PRO A 45 -18.16 16.07 6.61
C PRO A 45 -17.17 16.55 5.57
N VAL A 46 -17.52 17.61 4.86
CA VAL A 46 -16.67 18.15 3.80
C VAL A 46 -16.12 19.53 4.17
N PHE A 47 -14.88 19.81 3.80
CA PHE A 47 -14.32 21.12 4.11
C PHE A 47 -12.99 21.40 3.41
N THR A 48 -12.68 22.68 3.31
CA THR A 48 -11.47 23.13 2.63
C THR A 48 -10.43 23.72 3.57
N VAL A 49 -9.18 23.32 3.37
CA VAL A 49 -8.04 23.83 4.15
C VAL A 49 -6.96 24.17 3.12
N TYR A 50 -6.15 25.18 3.40
CA TYR A 50 -5.11 25.56 2.44
C TYR A 50 -3.69 25.24 2.91
N PHE A 51 -2.99 24.37 2.19
CA PHE A 51 -1.61 24.08 2.52
C PHE A 51 -0.90 25.08 1.64
N GLY A 52 -0.31 26.11 2.24
CA GLY A 52 0.33 27.13 1.43
C GLY A 52 -0.77 27.85 0.69
N MET A 53 -0.62 28.00 -0.63
CA MET A 53 -1.63 28.68 -1.43
C MET A 53 -2.59 27.70 -2.09
N ASN A 54 -2.35 26.41 -1.86
CA ASN A 54 -3.15 25.33 -2.44
C ASN A 54 -4.35 24.91 -1.61
N PRO A 55 -5.53 24.82 -2.24
CA PRO A 55 -6.72 24.41 -1.50
C PRO A 55 -6.79 22.89 -1.47
N ILE A 56 -7.41 22.35 -0.44
CA ILE A 56 -7.55 20.91 -0.31
C ILE A 56 -8.91 20.62 0.32
N VAL A 57 -9.80 19.97 -0.43
CA VAL A 57 -11.10 19.66 0.14
C VAL A 57 -11.07 18.23 0.71
N VAL A 58 -11.20 18.17 2.03
CA VAL A 58 -11.18 16.92 2.81
C VAL A 58 -12.56 16.31 3.08
N PHE A 59 -12.66 15.00 2.89
CA PHE A 59 -13.91 14.27 3.12
C PHE A 59 -13.82 13.38 4.37
N HIS A 60 -14.77 13.56 5.29
CA HIS A 60 -14.78 12.81 6.53
C HIS A 60 -16.04 11.95 6.71
N GLY A 61 -15.85 10.67 7.04
CA GLY A 61 -16.97 9.80 7.26
C GLY A 61 -17.37 8.94 6.06
N TYR A 62 -17.94 7.78 6.34
CA TYR A 62 -18.37 6.84 5.31
C TYR A 62 -19.15 7.49 4.16
N GLU A 63 -20.23 8.20 4.49
CA GLU A 63 -21.04 8.84 3.47
C GLU A 63 -20.32 9.85 2.57
N ALA A 64 -19.49 10.71 3.14
CA ALA A 64 -18.77 11.67 2.33
C ALA A 64 -17.75 10.94 1.43
N VAL A 65 -16.94 10.07 2.02
CA VAL A 65 -15.94 9.33 1.25
C VAL A 65 -16.53 8.49 0.13
N LYS A 66 -17.70 7.90 0.40
CA LYS A 66 -18.39 7.05 -0.56
C LYS A 66 -19.09 7.86 -1.63
N GLU A 67 -19.83 8.89 -1.22
CA GLU A 67 -20.53 9.72 -2.19
C GLU A 67 -19.52 10.24 -3.20
N ALA A 68 -18.37 10.67 -2.71
CA ALA A 68 -17.31 11.20 -3.55
C ALA A 68 -16.61 10.12 -4.39
N LEU A 69 -15.80 9.30 -3.73
CA LEU A 69 -15.03 8.25 -4.40
C LEU A 69 -15.80 7.25 -5.25
N ILE A 70 -16.95 6.85 -4.73
CA ILE A 70 -17.78 5.87 -5.41
C ILE A 70 -18.84 6.46 -6.33
N ASP A 71 -19.81 7.17 -5.74
CA ASP A 71 -20.92 7.76 -6.49
C ASP A 71 -20.51 8.76 -7.57
N ASN A 72 -19.43 9.48 -7.35
CA ASN A 72 -18.96 10.44 -8.34
C ASN A 72 -17.60 9.93 -8.83
N GLY A 73 -17.45 8.61 -8.77
CA GLY A 73 -16.21 7.97 -9.19
C GLY A 73 -15.37 8.67 -10.23
N GLU A 74 -15.90 8.80 -11.44
CA GLU A 74 -15.17 9.43 -12.53
C GLU A 74 -14.52 10.77 -12.21
N GLU A 75 -15.29 11.71 -11.71
CA GLU A 75 -14.72 13.01 -11.41
C GLU A 75 -13.65 12.97 -10.32
N PHE A 76 -13.72 11.99 -9.42
CA PHE A 76 -12.73 11.88 -8.33
C PHE A 76 -11.58 10.90 -8.60
N SER A 77 -11.51 10.38 -9.82
CA SER A 77 -10.48 9.42 -10.17
C SER A 77 -9.15 10.01 -10.63
N GLY A 78 -8.96 11.30 -10.42
CA GLY A 78 -7.72 11.92 -10.84
C GLY A 78 -6.72 11.89 -9.71
N ARG A 79 -5.44 11.75 -10.05
CA ARG A 79 -4.39 11.72 -9.05
C ARG A 79 -3.90 13.13 -8.68
N GLY A 80 -4.13 13.53 -7.44
CA GLY A 80 -3.64 14.82 -7.01
C GLY A 80 -2.14 14.70 -7.18
N ASN A 81 -1.52 15.63 -7.91
CA ASN A 81 -0.08 15.54 -8.11
C ASN A 81 0.68 16.68 -7.44
N SER A 82 1.99 16.75 -7.67
CA SER A 82 2.79 17.78 -7.03
C SER A 82 4.21 17.92 -7.57
N PRO A 83 4.91 19.01 -7.17
CA PRO A 83 6.28 19.27 -7.60
C PRO A 83 7.23 18.09 -7.42
N ILE A 84 7.16 17.44 -6.26
CA ILE A 84 8.01 16.29 -5.97
C ILE A 84 7.62 15.10 -6.84
N SER A 85 6.38 14.65 -6.67
CA SER A 85 5.85 13.51 -7.42
C SER A 85 6.16 13.62 -8.90
N GLN A 86 6.06 14.84 -9.42
CA GLN A 86 6.31 15.11 -10.82
C GLN A 86 7.75 14.90 -11.26
N ARG A 87 8.69 15.51 -10.54
CA ARG A 87 10.10 15.38 -10.91
C ARG A 87 10.68 13.99 -10.68
N ILE A 88 9.96 13.12 -9.99
CA ILE A 88 10.43 11.77 -9.77
C ILE A 88 9.94 10.89 -10.90
N THR A 89 8.62 10.89 -11.12
CA THR A 89 8.01 10.05 -12.17
C THR A 89 7.95 10.67 -13.56
N LYS A 90 7.78 11.98 -13.61
CA LYS A 90 7.67 12.69 -14.88
C LYS A 90 6.31 12.36 -15.49
N GLY A 91 5.37 11.97 -14.66
CA GLY A 91 4.04 11.62 -15.14
C GLY A 91 4.00 10.25 -15.81
N LEU A 92 5.09 9.52 -15.67
CA LEU A 92 5.21 8.19 -16.24
C LEU A 92 4.70 7.13 -15.27
N GLY A 93 4.23 6.01 -15.82
CA GLY A 93 3.74 4.95 -14.96
C GLY A 93 2.25 4.96 -14.68
N ILE A 94 1.88 4.30 -13.59
CA ILE A 94 0.49 4.17 -13.19
C ILE A 94 0.06 5.02 -12.00
N ILE A 95 0.88 5.04 -10.95
CA ILE A 95 0.51 5.80 -9.75
C ILE A 95 0.30 7.29 -10.02
N SER A 96 1.29 7.93 -10.65
CA SER A 96 1.19 9.35 -10.89
C SER A 96 0.49 9.85 -12.14
N SER A 97 0.32 9.01 -13.14
CA SER A 97 -0.33 9.46 -14.36
C SER A 97 -1.82 9.70 -14.18
N ASN A 98 -2.42 10.32 -15.20
CA ASN A 98 -3.84 10.63 -15.23
C ASN A 98 -4.35 10.56 -16.65
N GLY A 99 -5.64 10.79 -16.82
CA GLY A 99 -6.21 10.75 -18.15
C GLY A 99 -5.97 9.48 -18.96
N LYS A 100 -5.98 9.63 -20.28
CA LYS A 100 -5.79 8.50 -21.16
C LYS A 100 -4.63 7.60 -20.79
N ARG A 101 -3.45 8.18 -20.56
CA ARG A 101 -2.29 7.35 -20.21
C ARG A 101 -2.50 6.50 -18.98
N TRP A 102 -3.34 6.96 -18.06
CA TRP A 102 -3.60 6.20 -16.85
C TRP A 102 -4.50 5.03 -17.21
N LYS A 103 -5.71 5.35 -17.68
CA LYS A 103 -6.70 4.34 -18.04
C LYS A 103 -6.12 3.15 -18.80
N GLU A 104 -5.27 3.42 -19.79
CA GLU A 104 -4.68 2.35 -20.57
C GLU A 104 -3.65 1.52 -19.83
N ILE A 105 -2.84 2.19 -19.01
CA ILE A 105 -1.81 1.49 -18.24
C ILE A 105 -2.42 0.70 -17.09
N ARG A 106 -3.43 1.27 -16.44
CA ARG A 106 -4.07 0.58 -15.33
C ARG A 106 -4.81 -0.66 -15.83
N ARG A 107 -5.59 -0.48 -16.91
CA ARG A 107 -6.36 -1.58 -17.48
C ARG A 107 -5.44 -2.71 -17.91
N PHE A 108 -4.29 -2.37 -18.48
CA PHE A 108 -3.33 -3.38 -18.89
C PHE A 108 -2.73 -4.01 -17.66
N SER A 109 -2.47 -3.20 -16.64
CA SER A 109 -1.87 -3.67 -15.40
C SER A 109 -2.80 -4.57 -14.59
N LEU A 110 -4.06 -4.15 -14.47
CA LEU A 110 -5.04 -4.93 -13.73
C LEU A 110 -5.25 -6.33 -14.29
N THR A 111 -5.35 -6.46 -15.62
CA THR A 111 -5.56 -7.79 -16.19
C THR A 111 -4.27 -8.59 -16.23
N THR A 112 -3.14 -7.91 -16.40
CA THR A 112 -1.86 -8.63 -16.44
C THR A 112 -1.46 -9.10 -15.05
N LEU A 113 -2.11 -8.54 -14.02
CA LEU A 113 -1.81 -8.91 -12.63
C LEU A 113 -2.83 -9.90 -12.05
N ARG A 114 -3.63 -10.52 -12.91
CA ARG A 114 -4.60 -11.51 -12.47
C ARG A 114 -3.80 -12.76 -12.15
N ASN A 115 -4.35 -13.60 -11.26
CA ASN A 115 -3.68 -14.81 -10.82
C ASN A 115 -2.93 -15.60 -11.89
N PHE A 116 -3.40 -15.51 -13.13
CA PHE A 116 -2.75 -16.19 -14.26
C PHE A 116 -2.33 -15.24 -15.39
N GLY A 117 -2.68 -13.96 -15.28
CA GLY A 117 -2.35 -13.00 -16.31
C GLY A 117 -0.94 -12.90 -16.83
N MET A 118 0.01 -13.66 -16.29
CA MET A 118 1.39 -13.58 -16.77
C MET A 118 1.94 -14.87 -17.36
N GLY A 119 1.05 -15.83 -17.65
CA GLY A 119 1.52 -17.08 -18.22
C GLY A 119 1.06 -18.30 -17.46
N LYS A 120 1.73 -19.41 -17.71
CA LYS A 120 1.40 -20.69 -17.07
C LYS A 120 1.52 -20.70 -15.54
N ARG A 121 2.50 -19.96 -15.00
CA ARG A 121 2.72 -19.91 -13.54
C ARG A 121 1.92 -18.84 -12.82
N SER A 122 0.88 -19.24 -12.10
CA SER A 122 0.05 -18.29 -11.35
C SER A 122 0.87 -17.49 -10.37
N ILE A 123 0.36 -16.32 -10.01
CA ILE A 123 1.04 -15.46 -9.06
C ILE A 123 1.07 -16.16 -7.69
N GLU A 124 -0.04 -16.81 -7.33
CA GLU A 124 -0.16 -17.54 -6.06
C GLU A 124 1.05 -18.44 -5.87
N ASP A 125 1.45 -19.08 -6.95
CA ASP A 125 2.60 -19.98 -6.89
C ASP A 125 3.89 -19.21 -6.57
N ARG A 126 3.98 -17.96 -7.01
CA ARG A 126 5.16 -17.16 -6.73
C ARG A 126 5.13 -16.76 -5.26
N VAL A 127 3.93 -16.44 -4.80
CA VAL A 127 3.74 -16.05 -3.41
C VAL A 127 4.01 -17.24 -2.50
N GLN A 128 3.38 -18.39 -2.80
CA GLN A 128 3.57 -19.62 -2.02
C GLN A 128 5.05 -20.03 -1.93
N GLU A 129 5.79 -19.93 -3.03
CA GLU A 129 7.20 -20.28 -3.00
C GLU A 129 7.89 -19.32 -2.06
N GLU A 130 7.52 -18.06 -2.12
CA GLU A 130 8.14 -17.06 -1.27
C GLU A 130 7.84 -17.30 0.21
N ALA A 131 6.57 -17.54 0.53
CA ALA A 131 6.19 -17.78 1.92
C ALA A 131 7.09 -18.89 2.46
N HIS A 132 7.61 -19.70 1.55
CA HIS A 132 8.50 -20.80 1.91
C HIS A 132 9.86 -20.30 2.35
N CYS A 133 10.55 -19.61 1.45
CA CYS A 133 11.86 -19.09 1.75
C CYS A 133 11.81 -18.20 2.99
N LEU A 134 10.67 -17.53 3.19
CA LEU A 134 10.52 -16.68 4.36
C LEU A 134 10.61 -17.55 5.62
N VAL A 135 9.80 -18.60 5.67
CA VAL A 135 9.80 -19.50 6.82
C VAL A 135 11.17 -20.10 7.04
N GLU A 136 11.91 -20.32 5.95
CA GLU A 136 13.25 -20.88 6.08
C GLU A 136 14.20 -19.87 6.72
N GLU A 137 14.12 -18.61 6.29
CA GLU A 137 14.96 -17.57 6.86
C GLU A 137 14.63 -17.38 8.34
N LEU A 138 13.35 -17.46 8.69
CA LEU A 138 12.91 -17.32 10.07
C LEU A 138 13.45 -18.44 10.96
N ARG A 139 13.64 -19.64 10.41
CA ARG A 139 14.18 -20.74 11.20
C ARG A 139 15.62 -20.37 11.56
N LYS A 140 16.31 -19.72 10.61
CA LYS A 140 17.69 -19.28 10.79
C LYS A 140 17.90 -18.40 12.04
N THR A 141 16.84 -17.71 12.49
CA THR A 141 16.96 -16.85 13.67
C THR A 141 17.20 -17.73 14.88
N LYS A 142 16.85 -19.00 14.75
CA LYS A 142 17.05 -19.95 15.83
C LYS A 142 16.29 -19.55 17.08
N ALA A 143 15.04 -19.15 16.91
CA ALA A 143 14.19 -18.77 18.03
C ALA A 143 14.70 -17.60 18.85
N SER A 144 15.87 -17.08 18.49
CA SER A 144 16.44 -15.95 19.22
C SER A 144 15.68 -14.65 18.97
N PRO A 145 15.51 -13.84 20.02
CA PRO A 145 14.79 -12.58 19.85
C PRO A 145 15.39 -11.75 18.70
N CYS A 146 14.53 -11.06 17.97
CA CYS A 146 14.98 -10.23 16.85
C CYS A 146 13.94 -9.21 16.40
N ASP A 147 14.37 -8.27 15.56
CA ASP A 147 13.52 -7.23 14.98
C ASP A 147 13.18 -7.83 13.60
N PRO A 148 11.93 -8.26 13.39
CA PRO A 148 11.56 -8.86 12.11
C PRO A 148 11.53 -7.95 10.89
N THR A 149 11.77 -6.66 11.11
CA THR A 149 11.70 -5.70 10.01
C THR A 149 12.41 -6.07 8.71
N PHE A 150 13.70 -6.40 8.77
CA PHE A 150 14.41 -6.72 7.54
C PHE A 150 13.92 -7.98 6.83
N ILE A 151 13.75 -9.06 7.58
CA ILE A 151 13.28 -10.33 7.03
C ILE A 151 11.89 -10.18 6.41
N LEU A 152 10.97 -9.63 7.20
CA LEU A 152 9.60 -9.39 6.77
C LEU A 152 9.52 -8.51 5.52
N GLY A 153 10.51 -7.64 5.34
CA GLY A 153 10.53 -6.76 4.19
C GLY A 153 11.02 -7.44 2.91
N CYS A 154 11.94 -8.40 3.03
CA CYS A 154 12.47 -9.12 1.88
C CYS A 154 11.42 -9.95 1.13
N ALA A 155 10.38 -10.38 1.84
CA ALA A 155 9.35 -11.20 1.21
C ALA A 155 8.46 -10.43 0.22
N PRO A 156 7.81 -9.35 0.67
CA PRO A 156 6.94 -8.57 -0.23
C PRO A 156 7.73 -7.96 -1.39
N CYS A 157 9.01 -7.65 -1.13
CA CYS A 157 9.85 -7.06 -2.15
C CYS A 157 10.29 -8.10 -3.15
N ASN A 158 10.41 -9.34 -2.68
CA ASN A 158 10.83 -10.42 -3.56
C ASN A 158 9.65 -10.88 -4.40
N VAL A 159 8.44 -10.74 -3.86
CA VAL A 159 7.24 -11.12 -4.61
C VAL A 159 7.15 -10.26 -5.86
N ILE A 160 7.42 -8.97 -5.71
CA ILE A 160 7.38 -8.07 -6.84
C ILE A 160 8.48 -8.49 -7.81
N CYS A 161 9.69 -8.70 -7.33
CA CYS A 161 10.77 -9.12 -8.21
C CYS A 161 10.30 -10.32 -9.04
N SER A 162 9.68 -11.27 -8.36
CA SER A 162 9.17 -12.48 -9.00
C SER A 162 8.07 -12.20 -10.02
N VAL A 163 7.29 -11.15 -9.78
CA VAL A 163 6.19 -10.78 -10.67
C VAL A 163 6.66 -9.99 -11.89
N VAL A 164 7.70 -9.18 -11.74
CA VAL A 164 8.17 -8.39 -12.89
C VAL A 164 9.44 -8.97 -13.56
N PHE A 165 10.25 -9.72 -12.81
CA PHE A 165 11.50 -10.27 -13.36
C PHE A 165 11.57 -11.78 -13.47
N GLN A 166 10.42 -12.44 -13.61
CA GLN A 166 10.37 -13.92 -13.73
C GLN A 166 10.83 -14.66 -12.47
N LYS A 167 12.15 -14.64 -12.22
CA LYS A 167 12.75 -15.31 -11.06
C LYS A 167 12.90 -14.41 -9.81
N ARG A 168 12.81 -15.03 -8.65
CA ARG A 168 12.97 -14.31 -7.39
C ARG A 168 14.48 -14.29 -7.09
N PHE A 169 14.95 -13.28 -6.35
CA PHE A 169 16.36 -13.21 -6.01
C PHE A 169 16.63 -14.04 -4.77
N ASP A 170 17.90 -14.29 -4.50
CA ASP A 170 18.26 -15.00 -3.29
C ASP A 170 18.54 -13.87 -2.32
N TYR A 171 18.02 -13.98 -1.11
CA TYR A 171 18.19 -12.95 -0.11
C TYR A 171 19.62 -12.39 0.04
N LYS A 172 20.63 -13.23 -0.16
CA LYS A 172 22.02 -12.78 -0.01
C LYS A 172 22.54 -12.10 -1.27
N ASP A 173 21.82 -12.26 -2.37
CA ASP A 173 22.20 -11.66 -3.64
C ASP A 173 22.34 -10.14 -3.48
N GLN A 174 23.49 -9.60 -3.88
CA GLN A 174 23.76 -8.16 -3.76
C GLN A 174 22.74 -7.29 -4.51
N ASN A 175 22.41 -7.68 -5.74
CA ASN A 175 21.45 -6.96 -6.56
C ASN A 175 20.14 -6.75 -5.85
N PHE A 176 19.70 -7.77 -5.11
CA PHE A 176 18.45 -7.71 -4.35
C PHE A 176 18.58 -6.72 -3.20
N LEU A 177 19.67 -6.85 -2.44
CA LEU A 177 19.91 -5.96 -1.31
C LEU A 177 20.02 -4.49 -1.76
N THR A 178 20.70 -4.25 -2.87
CA THR A 178 20.84 -2.89 -3.38
C THR A 178 19.48 -2.39 -3.89
N LEU A 179 18.78 -3.27 -4.59
CA LEU A 179 17.47 -2.95 -5.16
C LEU A 179 16.56 -2.50 -4.03
N MET A 180 16.73 -3.13 -2.86
CA MET A 180 15.95 -2.80 -1.67
C MET A 180 16.39 -1.48 -1.02
N LYS A 181 17.61 -1.43 -0.50
CA LYS A 181 18.10 -0.20 0.13
C LYS A 181 17.61 0.99 -0.67
N ARG A 182 17.83 0.89 -1.97
CA ARG A 182 17.43 1.93 -2.91
C ARG A 182 16.02 2.42 -2.58
N PHE A 183 15.04 1.55 -2.78
CA PHE A 183 13.66 1.87 -2.51
C PHE A 183 13.39 2.27 -1.05
N ASN A 184 14.05 1.61 -0.11
CA ASN A 184 13.82 1.93 1.28
C ASN A 184 14.22 3.36 1.59
N GLU A 185 15.44 3.72 1.19
CA GLU A 185 15.96 5.07 1.39
C GLU A 185 14.98 6.11 0.87
N ASN A 186 14.55 5.95 -0.37
CA ASN A 186 13.59 6.88 -0.92
C ASN A 186 12.29 6.83 -0.12
N PHE A 187 11.91 5.65 0.35
CA PHE A 187 10.68 5.57 1.13
C PHE A 187 10.80 6.40 2.40
N ARG A 188 11.91 6.25 3.11
CA ARG A 188 12.10 7.01 4.32
C ARG A 188 12.18 8.52 4.05
N ILE A 189 12.93 8.94 3.03
CA ILE A 189 13.02 10.36 2.73
C ILE A 189 11.62 10.91 2.48
N LEU A 190 10.98 10.41 1.43
CA LEU A 190 9.63 10.83 1.02
C LEU A 190 8.53 10.65 2.06
N ASN A 191 8.86 10.09 3.22
CA ASN A 191 7.83 9.88 4.22
C ASN A 191 8.03 10.83 5.39
N SER A 192 8.83 11.87 5.18
CA SER A 192 9.12 12.84 6.22
C SER A 192 8.11 13.98 6.24
N PRO A 193 7.75 14.47 7.43
CA PRO A 193 6.80 15.57 7.57
C PRO A 193 7.26 16.74 6.67
N TRP A 194 8.57 16.81 6.44
CA TRP A 194 9.18 17.86 5.60
C TRP A 194 8.67 17.83 4.16
N ILE A 195 8.19 16.67 3.72
CA ILE A 195 7.69 16.51 2.37
C ILE A 195 6.42 17.32 2.16
N GLN A 196 5.55 17.33 3.17
CA GLN A 196 4.30 18.07 3.09
C GLN A 196 4.59 19.56 2.95
N VAL A 197 5.60 20.04 3.68
CA VAL A 197 6.00 21.44 3.64
C VAL A 197 6.57 21.76 2.25
N CYS A 198 7.70 21.14 1.94
CA CYS A 198 8.38 21.33 0.66
C CYS A 198 7.52 21.20 -0.57
N ASN A 199 6.48 20.37 -0.50
CA ASN A 199 5.60 20.21 -1.65
C ASN A 199 4.77 21.44 -1.91
N ASN A 200 4.37 22.14 -0.84
CA ASN A 200 3.58 23.35 -0.97
C ASN A 200 4.45 24.60 -1.09
N PHE A 201 5.61 24.57 -0.43
CA PHE A 201 6.55 25.69 -0.50
C PHE A 201 7.80 25.21 -1.25
N PRO A 202 7.66 24.94 -2.56
CA PRO A 202 8.71 24.47 -3.47
C PRO A 202 10.09 25.08 -3.26
N LEU A 203 10.12 26.39 -3.02
CA LEU A 203 11.36 27.11 -2.80
C LEU A 203 12.19 26.39 -1.74
N LEU A 204 11.51 25.88 -0.71
CA LEU A 204 12.19 25.18 0.38
C LEU A 204 12.87 23.88 -0.02
N ILE A 205 12.67 23.42 -1.24
CA ILE A 205 13.34 22.20 -1.67
C ILE A 205 14.83 22.53 -1.86
N ASP A 206 15.11 23.72 -2.40
CA ASP A 206 16.49 24.15 -2.60
C ASP A 206 17.27 24.05 -1.30
N CYS A 207 16.56 24.11 -0.18
CA CYS A 207 17.17 24.01 1.15
C CYS A 207 17.63 22.60 1.50
N PHE A 208 17.37 21.64 0.62
CA PHE A 208 17.76 20.25 0.86
C PHE A 208 18.54 19.64 -0.31
N PRO A 209 19.71 20.21 -0.63
CA PRO A 209 20.60 19.78 -1.73
C PRO A 209 20.98 18.30 -1.68
N GLY A 210 21.57 17.90 -0.55
CA GLY A 210 21.99 16.52 -0.38
C GLY A 210 20.85 15.54 -0.56
N THR A 211 19.85 15.65 0.30
CA THR A 211 18.68 14.76 0.23
C THR A 211 18.05 14.75 -1.17
N HIS A 212 17.99 15.91 -1.81
CA HIS A 212 17.41 15.99 -3.14
C HIS A 212 18.20 15.09 -4.10
N ASN A 213 19.52 15.22 -4.09
CA ASN A 213 20.34 14.41 -4.99
C ASN A 213 20.21 12.91 -4.73
N LYS A 214 20.24 12.50 -3.46
CA LYS A 214 20.13 11.07 -3.15
C LYS A 214 18.87 10.45 -3.76
N VAL A 215 17.73 11.07 -3.49
CA VAL A 215 16.43 10.61 -4.02
C VAL A 215 16.50 10.38 -5.53
N LEU A 216 16.88 11.42 -6.26
CA LEU A 216 17.00 11.36 -7.72
C LEU A 216 18.02 10.32 -8.18
N LYS A 217 19.10 10.18 -7.41
CA LYS A 217 20.13 9.21 -7.75
C LYS A 217 19.57 7.80 -7.65
N ASN A 218 18.88 7.49 -6.56
CA ASN A 218 18.30 6.17 -6.39
C ASN A 218 17.32 5.91 -7.52
N VAL A 219 16.57 6.95 -7.90
CA VAL A 219 15.59 6.82 -8.96
C VAL A 219 16.27 6.58 -10.29
N ALA A 220 17.37 7.30 -10.52
CA ALA A 220 18.14 7.17 -11.76
C ALA A 220 18.73 5.77 -11.86
N LEU A 221 19.48 5.38 -10.84
CA LEU A 221 20.10 4.06 -10.84
C LEU A 221 19.07 2.96 -11.04
N THR A 222 17.97 3.03 -10.30
CA THR A 222 16.93 2.03 -10.45
C THR A 222 16.48 1.92 -11.91
N ARG A 223 16.11 3.03 -12.55
CA ARG A 223 15.68 2.98 -13.95
C ARG A 223 16.69 2.21 -14.80
N SER A 224 17.97 2.43 -14.55
CA SER A 224 19.00 1.75 -15.32
C SER A 224 18.87 0.25 -15.14
N TYR A 225 18.97 -0.20 -13.89
CA TYR A 225 18.86 -1.62 -13.58
C TYR A 225 17.64 -2.26 -14.24
N ILE A 226 16.50 -1.59 -14.17
CA ILE A 226 15.30 -2.15 -14.77
C ILE A 226 15.54 -2.28 -16.26
N ARG A 227 15.95 -1.19 -16.92
CA ARG A 227 16.21 -1.20 -18.36
C ARG A 227 17.22 -2.27 -18.76
N GLU A 228 18.29 -2.41 -17.98
CA GLU A 228 19.29 -3.43 -18.27
C GLU A 228 18.56 -4.77 -18.25
N LYS A 229 17.72 -4.95 -17.22
CA LYS A 229 16.96 -6.18 -17.02
C LYS A 229 15.84 -6.39 -18.06
N VAL A 230 15.33 -5.30 -18.63
CA VAL A 230 14.26 -5.40 -19.63
C VAL A 230 14.81 -5.86 -20.97
N LYS A 231 16.05 -5.49 -21.27
CA LYS A 231 16.68 -5.91 -22.52
C LYS A 231 16.89 -7.41 -22.49
N GLU A 232 17.23 -7.94 -21.32
CA GLU A 232 17.45 -9.36 -21.16
C GLU A 232 16.15 -10.04 -21.58
N HIS A 233 15.03 -9.48 -21.11
CA HIS A 233 13.72 -10.05 -21.44
C HIS A 233 13.41 -9.99 -22.94
N GLN A 234 13.72 -8.87 -23.58
CA GLN A 234 13.49 -8.71 -25.01
C GLN A 234 14.23 -9.81 -25.78
N ALA A 235 15.53 -9.86 -25.57
CA ALA A 235 16.38 -10.84 -26.23
C ALA A 235 16.16 -12.23 -25.63
N SER A 236 14.92 -12.72 -25.69
CA SER A 236 14.59 -14.03 -25.14
C SER A 236 13.08 -14.17 -25.01
N LEU A 237 12.37 -13.18 -25.54
CA LEU A 237 10.93 -13.16 -25.47
C LEU A 237 10.26 -14.30 -26.24
N ASP A 238 9.44 -15.08 -25.54
CA ASP A 238 8.70 -16.14 -26.20
C ASP A 238 7.27 -15.67 -26.18
N VAL A 239 6.87 -14.99 -27.26
CA VAL A 239 5.52 -14.45 -27.38
C VAL A 239 4.37 -15.37 -26.97
N ASN A 240 4.52 -16.68 -27.15
CA ASN A 240 3.43 -17.61 -26.84
C ASN A 240 3.11 -17.90 -25.37
N ASN A 241 4.11 -17.75 -24.52
CA ASN A 241 3.92 -17.96 -23.09
C ASN A 241 4.82 -16.99 -22.33
N PRO A 242 4.22 -15.88 -21.84
CA PRO A 242 4.93 -14.85 -21.09
C PRO A 242 5.45 -15.41 -19.77
N ARG A 243 6.62 -14.92 -19.35
CA ARG A 243 7.27 -15.35 -18.11
C ARG A 243 6.88 -14.51 -16.89
N ASP A 244 6.80 -13.19 -17.09
CA ASP A 244 6.49 -12.24 -16.04
C ASP A 244 5.74 -11.03 -16.56
N PHE A 245 5.79 -9.94 -15.80
CA PHE A 245 5.10 -8.69 -16.16
C PHE A 245 5.72 -8.00 -17.36
N ILE A 246 7.06 -8.00 -17.42
CA ILE A 246 7.77 -7.38 -18.52
C ILE A 246 7.43 -8.02 -19.85
N ASP A 247 7.37 -9.35 -19.87
CA ASP A 247 7.02 -10.07 -21.08
C ASP A 247 5.67 -9.58 -21.57
N CYS A 248 4.67 -9.59 -20.70
CA CYS A 248 3.33 -9.14 -21.07
C CYS A 248 3.31 -7.73 -21.66
N PHE A 249 4.12 -6.83 -21.09
CA PHE A 249 4.16 -5.46 -21.58
C PHE A 249 4.80 -5.45 -22.96
N LEU A 250 5.96 -6.11 -23.07
CA LEU A 250 6.68 -6.18 -24.34
C LEU A 250 5.75 -6.70 -25.45
N ILE A 251 4.97 -7.74 -25.15
CA ILE A 251 4.03 -8.30 -26.11
C ILE A 251 3.00 -7.24 -26.51
N LYS A 252 2.43 -6.57 -25.50
CA LYS A 252 1.45 -5.53 -25.75
C LYS A 252 2.06 -4.44 -26.63
N MET A 253 3.28 -4.04 -26.30
CA MET A 253 3.97 -3.01 -27.08
C MET A 253 4.01 -3.46 -28.53
N GLU A 254 4.36 -4.71 -28.74
CA GLU A 254 4.44 -5.30 -30.07
C GLU A 254 3.22 -4.96 -30.92
N GLN A 255 2.04 -5.25 -30.38
CA GLN A 255 0.77 -4.99 -31.04
C GLN A 255 0.59 -3.52 -31.48
N GLU A 256 0.86 -2.59 -30.57
CA GLU A 256 0.72 -1.16 -30.84
C GLU A 256 1.85 -0.63 -31.73
N LYS A 257 2.79 -1.51 -32.09
CA LYS A 257 3.94 -1.17 -32.91
C LYS A 257 3.73 0.03 -33.83
N ASP A 258 2.56 0.12 -34.47
CA ASP A 258 2.22 1.19 -35.41
C ASP A 258 1.74 2.50 -34.77
N ASN A 259 0.81 2.39 -33.83
CA ASN A 259 0.26 3.56 -33.15
C ASN A 259 1.39 4.36 -32.51
N GLN A 260 1.75 5.47 -33.12
CA GLN A 260 2.82 6.31 -32.61
C GLN A 260 2.44 7.14 -31.38
N LYS A 261 1.18 7.04 -30.97
CA LYS A 261 0.72 7.76 -29.79
C LYS A 261 0.36 6.78 -28.68
N SER A 262 0.71 5.51 -28.88
CA SER A 262 0.42 4.47 -27.90
C SER A 262 1.29 4.65 -26.66
N GLU A 263 0.67 4.41 -25.50
CA GLU A 263 1.34 4.54 -24.21
C GLU A 263 2.40 3.47 -23.96
N PHE A 264 2.16 2.28 -24.52
CA PHE A 264 3.06 1.16 -24.32
C PHE A 264 4.38 1.29 -25.04
N ASN A 265 5.33 1.92 -24.36
CA ASN A 265 6.69 2.17 -24.84
C ASN A 265 7.64 1.81 -23.71
N ILE A 266 8.93 1.65 -24.02
CA ILE A 266 9.90 1.27 -23.00
C ILE A 266 9.96 2.27 -21.83
N GLU A 267 9.38 3.45 -22.02
CA GLU A 267 9.40 4.44 -20.95
C GLU A 267 8.37 4.22 -19.86
N ASN A 268 7.14 3.89 -20.22
CA ASN A 268 6.14 3.63 -19.19
C ASN A 268 6.38 2.27 -18.56
N LEU A 269 7.11 1.41 -19.27
CA LEU A 269 7.44 0.09 -18.77
C LEU A 269 8.42 0.24 -17.61
N VAL A 270 9.48 1.01 -17.80
CA VAL A 270 10.44 1.22 -16.72
C VAL A 270 9.69 1.94 -15.60
N GLY A 271 8.68 2.72 -15.97
CA GLY A 271 7.91 3.46 -14.99
C GLY A 271 6.98 2.58 -14.18
N THR A 272 6.08 1.89 -14.88
CA THR A 272 5.12 1.00 -14.24
C THR A 272 5.76 -0.08 -13.37
N VAL A 273 6.95 -0.54 -13.78
CA VAL A 273 7.67 -1.55 -13.01
C VAL A 273 8.06 -0.87 -11.70
N ALA A 274 8.76 0.26 -11.83
CA ALA A 274 9.22 1.02 -10.67
C ALA A 274 8.06 1.25 -9.73
N ASP A 275 6.94 1.72 -10.27
CA ASP A 275 5.74 1.96 -9.46
C ASP A 275 5.35 0.70 -8.68
N LEU A 276 5.38 -0.46 -9.35
CA LEU A 276 4.99 -1.69 -8.68
C LEU A 276 5.76 -1.97 -7.39
N PHE A 277 7.07 -1.73 -7.38
CA PHE A 277 7.85 -1.94 -6.17
C PHE A 277 7.40 -0.93 -5.13
N VAL A 278 7.46 0.34 -5.52
CA VAL A 278 7.06 1.46 -4.69
C VAL A 278 5.69 1.26 -4.06
N ALA A 279 4.72 0.92 -4.89
CA ALA A 279 3.35 0.74 -4.44
C ALA A 279 3.05 -0.54 -3.65
N GLY A 280 3.81 -1.61 -3.87
CA GLY A 280 3.52 -2.84 -3.16
C GLY A 280 4.57 -3.47 -2.26
N THR A 281 5.66 -2.76 -2.02
CA THR A 281 6.71 -3.30 -1.17
C THR A 281 6.57 -2.81 0.26
N GLU A 282 6.73 -1.51 0.46
CA GLU A 282 6.65 -0.98 1.81
C GLU A 282 5.29 -1.16 2.48
N THR A 283 4.21 -0.92 1.76
CA THR A 283 2.85 -1.06 2.30
C THR A 283 2.64 -2.48 2.84
N THR A 284 2.95 -3.48 2.02
CA THR A 284 2.78 -4.87 2.43
C THR A 284 3.67 -5.19 3.62
N SER A 285 4.94 -4.85 3.50
CA SER A 285 5.91 -5.07 4.56
C SER A 285 5.40 -4.48 5.89
N THR A 286 4.88 -3.25 5.84
CA THR A 286 4.38 -2.60 7.04
C THR A 286 3.23 -3.40 7.68
N THR A 287 2.15 -3.61 6.92
CA THR A 287 1.02 -4.39 7.42
C THR A 287 1.50 -5.74 7.96
N LEU A 288 2.42 -6.39 7.28
CA LEU A 288 2.94 -7.67 7.78
C LEU A 288 3.54 -7.47 9.18
N ARG A 289 4.53 -6.58 9.26
CA ARG A 289 5.19 -6.32 10.52
C ARG A 289 4.18 -5.92 11.56
N TYR A 290 3.17 -5.17 11.15
CA TYR A 290 2.14 -4.73 12.09
C TYR A 290 1.27 -5.93 12.53
N GLY A 291 0.96 -6.80 11.58
CA GLY A 291 0.13 -7.97 11.85
C GLY A 291 0.75 -8.91 12.88
N LEU A 292 2.03 -9.19 12.74
CA LEU A 292 2.69 -10.06 13.70
C LEU A 292 2.68 -9.40 15.09
N LEU A 293 2.93 -8.10 15.15
CA LEU A 293 2.91 -7.41 16.45
C LEU A 293 1.58 -7.64 17.15
N LEU A 294 0.48 -7.55 16.40
CA LEU A 294 -0.86 -7.73 16.93
C LEU A 294 -1.16 -9.19 17.32
N LEU A 295 -0.58 -10.13 16.59
CA LEU A 295 -0.80 -11.54 16.89
C LEU A 295 0.02 -11.88 18.13
N LEU A 296 1.07 -11.11 18.34
CA LEU A 296 1.95 -11.31 19.49
C LEU A 296 1.24 -10.77 20.72
N LYS A 297 0.70 -9.57 20.60
CA LYS A 297 0.02 -8.89 21.69
C LYS A 297 -1.30 -9.58 22.04
N HIS A 298 -1.84 -10.31 21.08
CA HIS A 298 -3.11 -10.97 21.31
C HIS A 298 -2.94 -12.45 21.02
N PRO A 299 -2.48 -13.21 22.03
CA PRO A 299 -2.24 -14.66 22.03
C PRO A 299 -3.49 -15.52 21.83
N GLU A 300 -4.58 -15.16 22.50
CA GLU A 300 -5.82 -15.91 22.41
C GLU A 300 -6.36 -15.88 20.99
N VAL A 301 -5.88 -14.94 20.20
CA VAL A 301 -6.29 -14.81 18.80
C VAL A 301 -5.46 -15.76 17.94
N THR A 302 -4.14 -15.66 18.06
CA THR A 302 -3.26 -16.52 17.28
C THR A 302 -3.69 -17.96 17.45
N ALA A 303 -3.83 -18.38 18.70
CA ALA A 303 -4.28 -19.73 19.01
C ALA A 303 -5.43 -20.18 18.09
N LYS A 304 -6.47 -19.37 17.95
CA LYS A 304 -7.59 -19.75 17.08
C LYS A 304 -7.19 -19.87 15.60
N VAL A 305 -6.32 -18.99 15.13
CA VAL A 305 -5.87 -19.04 13.74
C VAL A 305 -5.07 -20.31 13.49
N GLN A 306 -4.18 -20.64 14.43
CA GLN A 306 -3.37 -21.84 14.29
C GLN A 306 -4.28 -23.07 14.36
N GLU A 307 -5.41 -22.93 15.06
CA GLU A 307 -6.39 -24.01 15.19
C GLU A 307 -7.12 -24.25 13.88
N GLU A 308 -7.41 -23.18 13.15
CA GLU A 308 -8.07 -23.34 11.85
C GLU A 308 -7.03 -23.93 10.92
N ILE A 309 -5.82 -23.36 10.94
CA ILE A 309 -4.75 -23.84 10.10
C ILE A 309 -4.59 -25.33 10.28
N ASP A 310 -4.57 -25.79 11.52
CA ASP A 310 -4.42 -27.22 11.80
C ASP A 310 -5.62 -27.99 11.24
N HIS A 311 -6.81 -27.47 11.54
CA HIS A 311 -8.08 -28.08 11.13
C HIS A 311 -8.38 -28.02 9.64
N VAL A 312 -7.89 -27.00 8.95
CA VAL A 312 -8.19 -26.91 7.52
C VAL A 312 -6.99 -27.16 6.61
N ILE A 313 -5.78 -27.03 7.14
CA ILE A 313 -4.59 -27.25 6.33
C ILE A 313 -3.69 -28.32 6.90
N GLY A 314 -3.60 -28.37 8.24
CA GLY A 314 -2.78 -29.36 8.92
C GLY A 314 -1.29 -29.05 8.81
N ARG A 315 -0.45 -29.99 9.25
CA ARG A 315 1.01 -29.79 9.16
C ARG A 315 1.38 -30.54 7.90
N HIS A 316 0.34 -31.12 7.31
CA HIS A 316 0.39 -31.96 6.12
C HIS A 316 0.81 -31.26 4.82
N ARG A 317 0.50 -29.97 4.65
CA ARG A 317 0.88 -29.21 3.45
C ARG A 317 0.87 -27.69 3.65
N SER A 318 1.25 -26.97 2.59
CA SER A 318 1.29 -25.50 2.59
C SER A 318 -0.09 -24.86 2.41
N PRO A 319 -0.34 -23.74 3.11
CA PRO A 319 -1.67 -23.14 2.92
C PRO A 319 -1.72 -22.56 1.51
N CYS A 320 -2.93 -22.48 0.97
CA CYS A 320 -3.14 -21.95 -0.38
C CYS A 320 -4.35 -21.04 -0.27
N MET A 321 -4.50 -20.14 -1.23
CA MET A 321 -5.63 -19.20 -1.20
C MET A 321 -6.97 -19.88 -1.02
N GLN A 322 -7.12 -21.07 -1.58
CA GLN A 322 -8.38 -21.79 -1.50
C GLN A 322 -8.87 -22.11 -0.09
N ASP A 323 -7.95 -22.25 0.86
CA ASP A 323 -8.33 -22.56 2.23
C ASP A 323 -9.08 -21.41 2.88
N ARG A 324 -8.76 -20.19 2.47
CA ARG A 324 -9.36 -19.01 3.05
C ARG A 324 -10.87 -19.02 3.11
N SER A 325 -11.51 -19.72 2.18
CA SER A 325 -12.97 -19.78 2.16
C SER A 325 -13.47 -20.67 3.27
N HIS A 326 -12.57 -21.49 3.81
CA HIS A 326 -12.94 -22.41 4.88
C HIS A 326 -12.37 -22.00 6.23
N MET A 327 -11.76 -20.82 6.25
CA MET A 327 -11.15 -20.27 7.46
C MET A 327 -11.67 -18.86 7.73
N PRO A 328 -12.96 -18.74 8.11
CA PRO A 328 -13.58 -17.44 8.39
C PRO A 328 -12.83 -16.60 9.42
N TYR A 329 -12.35 -17.24 10.48
CA TYR A 329 -11.63 -16.52 11.52
C TYR A 329 -10.32 -15.90 11.03
N THR A 330 -9.47 -16.69 10.38
CA THR A 330 -8.21 -16.15 9.88
C THR A 330 -8.50 -15.00 8.92
N ASP A 331 -9.66 -15.05 8.28
CA ASP A 331 -10.04 -14.00 7.35
C ASP A 331 -10.43 -12.76 8.16
N ALA A 332 -11.18 -12.95 9.24
CA ALA A 332 -11.57 -11.82 10.08
C ALA A 332 -10.30 -11.17 10.65
N VAL A 333 -9.35 -11.98 11.08
CA VAL A 333 -8.10 -11.45 11.62
C VAL A 333 -7.36 -10.58 10.59
N VAL A 334 -7.11 -11.13 9.41
CA VAL A 334 -6.43 -10.36 8.36
C VAL A 334 -7.20 -9.08 7.98
N HIS A 335 -8.53 -9.09 8.10
CA HIS A 335 -9.33 -7.91 7.78
C HIS A 335 -9.21 -6.90 8.93
N GLU A 336 -9.19 -7.42 10.16
CA GLU A 336 -9.08 -6.57 11.32
C GLU A 336 -7.66 -6.03 11.47
N ILE A 337 -6.67 -6.71 10.89
CA ILE A 337 -5.29 -6.23 10.99
C ILE A 337 -5.15 -4.99 10.12
N GLN A 338 -5.82 -5.01 8.98
CA GLN A 338 -5.79 -3.88 8.05
C GLN A 338 -6.64 -2.74 8.59
N ARG A 339 -7.83 -3.06 9.11
CA ARG A 339 -8.69 -2.03 9.64
C ARG A 339 -8.03 -1.31 10.82
N TYR A 340 -7.39 -2.06 11.71
CA TYR A 340 -6.75 -1.50 12.89
C TYR A 340 -5.46 -0.75 12.64
N SER A 341 -4.54 -1.40 11.92
CA SER A 341 -3.20 -0.83 11.63
C SER A 341 -3.25 0.42 10.74
N ASP A 342 -4.38 0.61 10.09
CA ASP A 342 -4.66 1.77 9.27
C ASP A 342 -3.44 2.36 8.55
N LEU A 343 -2.85 1.57 7.66
CA LEU A 343 -1.65 1.97 6.91
C LEU A 343 -1.57 3.39 6.28
N VAL A 344 -2.66 3.83 5.65
CA VAL A 344 -2.70 5.14 4.98
C VAL A 344 -3.95 5.83 5.53
N PRO A 345 -3.81 6.55 6.64
CA PRO A 345 -4.94 7.25 7.27
C PRO A 345 -5.61 8.28 6.38
N THR A 346 -4.82 9.06 5.64
CA THR A 346 -5.39 10.09 4.77
C THR A 346 -5.64 9.61 3.35
N GLY A 347 -5.30 8.36 3.07
CA GLY A 347 -5.47 7.84 1.73
C GLY A 347 -4.42 8.55 0.90
N VAL A 348 -4.38 8.28 -0.40
CA VAL A 348 -3.42 8.96 -1.27
C VAL A 348 -4.20 10.11 -1.89
N PRO A 349 -3.58 11.31 -1.96
CA PRO A 349 -4.31 12.44 -2.54
C PRO A 349 -4.83 12.25 -3.97
N HIS A 350 -6.07 12.65 -4.19
CA HIS A 350 -6.69 12.58 -5.50
C HIS A 350 -6.80 14.02 -5.99
N ALA A 351 -7.53 14.21 -7.09
CA ALA A 351 -7.72 15.54 -7.67
C ALA A 351 -8.96 15.38 -8.55
N VAL A 352 -9.88 16.35 -8.54
CA VAL A 352 -11.03 16.18 -9.41
C VAL A 352 -10.64 16.44 -10.87
N THR A 353 -11.24 15.65 -11.76
CA THR A 353 -10.97 15.70 -13.19
C THR A 353 -11.44 16.96 -13.93
N THR A 354 -12.55 17.55 -13.47
CA THR A 354 -13.10 18.77 -14.05
C THR A 354 -13.83 19.48 -12.93
N ASP A 355 -14.46 20.61 -13.23
CA ASP A 355 -15.21 21.31 -12.21
C ASP A 355 -16.27 20.32 -11.75
N THR A 356 -16.25 19.98 -10.47
CA THR A 356 -17.16 19.01 -9.91
C THR A 356 -18.14 19.58 -8.91
N LYS A 357 -19.36 19.06 -8.92
CA LYS A 357 -20.40 19.51 -8.01
C LYS A 357 -20.61 18.49 -6.90
N PHE A 358 -20.46 18.93 -5.66
CA PHE A 358 -20.65 18.04 -4.53
C PHE A 358 -21.62 18.74 -3.59
N ARG A 359 -22.89 18.31 -3.64
CA ARG A 359 -23.95 18.88 -2.81
C ARG A 359 -23.71 20.28 -2.26
N ASN A 360 -24.19 21.29 -2.97
CA ASN A 360 -24.05 22.69 -2.55
C ASN A 360 -22.71 23.32 -2.90
N TYR A 361 -21.70 22.50 -3.18
CA TYR A 361 -20.41 23.07 -3.48
C TYR A 361 -19.92 22.72 -4.85
N LEU A 362 -19.11 23.61 -5.40
CA LEU A 362 -18.53 23.36 -6.70
C LEU A 362 -17.04 23.33 -6.46
N ILE A 363 -16.42 22.27 -6.96
CA ILE A 363 -14.98 22.07 -6.81
C ILE A 363 -14.29 22.20 -8.16
N PRO A 364 -13.45 23.23 -8.30
CA PRO A 364 -12.68 23.52 -9.51
C PRO A 364 -11.78 22.38 -10.00
N LYS A 365 -11.79 22.14 -11.31
CA LYS A 365 -10.96 21.11 -11.88
C LYS A 365 -9.52 21.21 -11.37
N GLY A 366 -8.92 20.08 -11.05
CA GLY A 366 -7.56 20.08 -10.55
C GLY A 366 -7.41 20.14 -9.03
N THR A 367 -8.40 20.71 -8.35
CA THR A 367 -8.35 20.82 -6.89
C THR A 367 -7.89 19.50 -6.27
N THR A 368 -7.14 19.56 -5.17
CA THR A 368 -6.68 18.35 -4.52
C THR A 368 -7.75 17.83 -3.57
N ILE A 369 -8.09 16.54 -3.69
CA ILE A 369 -9.09 15.92 -2.83
C ILE A 369 -8.36 15.06 -1.82
N MET A 370 -9.05 14.71 -0.74
CA MET A 370 -8.48 13.88 0.31
C MET A 370 -9.58 13.09 1.01
N ALA A 371 -9.74 11.81 0.66
CA ALA A 371 -10.77 10.97 1.28
C ALA A 371 -10.10 10.28 2.47
N LEU A 372 -10.46 10.69 3.69
CA LEU A 372 -9.85 10.13 4.91
C LEU A 372 -10.30 8.70 5.20
N LEU A 373 -9.52 7.74 4.71
CA LEU A 373 -9.81 6.33 4.90
C LEU A 373 -10.01 6.01 6.37
N THR A 374 -9.05 6.41 7.20
CA THR A 374 -9.11 6.15 8.61
C THR A 374 -10.46 6.52 9.21
N SER A 375 -11.11 7.56 8.68
CA SER A 375 -12.40 7.97 9.23
C SER A 375 -13.50 6.93 8.95
N VAL A 376 -13.24 6.07 7.98
CA VAL A 376 -14.18 5.01 7.63
C VAL A 376 -13.80 3.76 8.42
N LEU A 377 -12.51 3.41 8.38
CA LEU A 377 -11.99 2.24 9.07
C LEU A 377 -12.22 2.30 10.58
N HIS A 378 -12.60 3.47 11.08
CA HIS A 378 -12.81 3.62 12.51
C HIS A 378 -14.20 4.09 12.83
N ASP A 379 -15.15 3.86 11.92
CA ASP A 379 -16.53 4.26 12.14
C ASP A 379 -16.99 3.55 13.42
N ASP A 380 -17.31 4.31 14.45
CA ASP A 380 -17.70 3.71 15.72
C ASP A 380 -19.07 3.03 15.79
N LYS A 381 -19.85 3.12 14.73
CA LYS A 381 -21.13 2.41 14.70
C LYS A 381 -20.90 1.08 13.99
N GLU A 382 -20.26 1.12 12.83
CA GLU A 382 -19.97 -0.10 12.06
C GLU A 382 -18.95 -0.98 12.78
N PHE A 383 -18.16 -0.38 13.65
CA PHE A 383 -17.13 -1.11 14.38
C PHE A 383 -17.15 -0.64 15.80
N PRO A 384 -18.09 -1.10 16.62
CA PRO A 384 -18.12 -0.64 18.01
C PRO A 384 -16.74 -0.78 18.64
N ASN A 385 -16.30 0.25 19.36
CA ASN A 385 -14.97 0.24 19.99
C ASN A 385 -13.97 0.03 18.87
N PRO A 386 -13.95 0.96 17.89
CA PRO A 386 -13.07 0.93 16.73
C PRO A 386 -11.59 0.94 17.02
N ASN A 387 -11.24 1.25 18.26
CA ASN A 387 -9.84 1.32 18.61
C ASN A 387 -9.23 0.10 19.26
N ILE A 388 -9.98 -0.99 19.32
CA ILE A 388 -9.46 -2.21 19.88
C ILE A 388 -9.41 -3.30 18.82
N PHE A 389 -8.23 -3.89 18.66
CA PHE A 389 -8.04 -4.97 17.71
C PHE A 389 -8.98 -6.09 18.12
N ASP A 390 -9.86 -6.50 17.23
CA ASP A 390 -10.81 -7.56 17.55
C ASP A 390 -11.46 -8.12 16.30
N PRO A 391 -11.17 -9.38 15.99
CA PRO A 391 -11.72 -10.07 14.82
C PRO A 391 -13.24 -10.12 14.82
N GLY A 392 -13.84 -9.86 15.98
CA GLY A 392 -15.29 -9.86 16.07
C GLY A 392 -15.90 -8.85 15.13
N HIS A 393 -15.16 -7.78 14.85
CA HIS A 393 -15.62 -6.71 13.96
C HIS A 393 -15.97 -7.24 12.57
N PHE A 394 -15.32 -8.34 12.18
CA PHE A 394 -15.53 -8.97 10.89
C PHE A 394 -16.12 -10.39 11.03
N LEU A 395 -16.90 -10.58 12.08
CA LEU A 395 -17.52 -11.87 12.37
C LEU A 395 -18.97 -11.69 12.84
N ASP A 396 -19.83 -12.59 12.39
CA ASP A 396 -21.25 -12.56 12.80
C ASP A 396 -21.45 -13.52 13.97
N LYS A 397 -22.65 -13.43 14.54
CA LYS A 397 -23.05 -14.25 15.69
C LYS A 397 -22.74 -15.75 15.52
N ASN A 398 -22.52 -16.20 14.29
CA ASN A 398 -22.21 -17.61 14.03
C ASN A 398 -20.74 -17.92 13.77
N GLY A 399 -19.88 -16.91 13.85
CA GLY A 399 -18.47 -17.17 13.60
C GLY A 399 -18.20 -17.21 12.10
N ASN A 400 -19.16 -16.67 11.34
CA ASN A 400 -19.05 -16.61 9.89
C ASN A 400 -18.46 -15.24 9.54
N PHE A 401 -17.70 -15.17 8.44
CA PHE A 401 -17.12 -13.89 8.04
C PHE A 401 -18.21 -12.87 7.73
N LYS A 402 -18.02 -11.64 8.16
CA LYS A 402 -18.99 -10.58 7.94
C LYS A 402 -18.32 -9.45 7.17
N LYS A 403 -18.52 -9.43 5.86
CA LYS A 403 -17.93 -8.41 5.01
C LYS A 403 -18.44 -7.00 5.36
N SER A 404 -17.61 -5.99 5.13
CA SER A 404 -18.00 -4.62 5.45
C SER A 404 -17.81 -3.64 4.30
N ASP A 405 -18.79 -2.76 4.12
CA ASP A 405 -18.74 -1.73 3.08
C ASP A 405 -17.81 -0.66 3.58
N TYR A 406 -17.52 -0.73 4.89
CA TYR A 406 -16.65 0.21 5.57
C TYR A 406 -15.21 -0.25 5.60
N PHE A 407 -14.90 -1.33 4.90
CA PHE A 407 -13.53 -1.83 4.86
C PHE A 407 -12.80 -1.20 3.67
N MET A 408 -12.23 -0.01 3.88
CA MET A 408 -11.52 0.69 2.80
C MET A 408 -10.02 0.88 2.99
N PRO A 409 -9.32 -0.14 3.50
CA PRO A 409 -7.89 0.18 3.64
C PRO A 409 -7.17 0.28 2.30
N PHE A 410 -7.81 -0.23 1.24
CA PHE A 410 -7.25 -0.22 -0.11
C PHE A 410 -7.90 0.93 -0.88
N SER A 411 -8.64 1.76 -0.14
CA SER A 411 -9.38 2.90 -0.69
C SER A 411 -10.64 2.34 -1.37
N ALA A 412 -11.23 3.13 -2.27
CA ALA A 412 -12.43 2.73 -2.97
C ALA A 412 -12.54 3.49 -4.28
N GLY A 413 -13.67 3.33 -4.95
CA GLY A 413 -13.87 4.04 -6.19
C GLY A 413 -13.06 3.53 -7.38
N LYS A 414 -13.08 4.31 -8.45
CA LYS A 414 -12.38 3.97 -9.68
C LYS A 414 -10.86 3.93 -9.59
N ARG A 415 -10.30 4.33 -8.45
CA ARG A 415 -8.85 4.30 -8.33
C ARG A 415 -8.35 3.47 -7.16
N ILE A 416 -9.11 2.44 -6.82
CA ILE A 416 -8.80 1.53 -5.72
C ILE A 416 -7.47 0.83 -5.97
N CYS A 417 -6.78 0.41 -4.91
CA CYS A 417 -5.48 -0.23 -5.07
C CYS A 417 -5.46 -1.20 -6.24
N ALA A 418 -4.51 -0.95 -7.15
CA ALA A 418 -4.32 -1.75 -8.36
C ALA A 418 -3.76 -3.15 -8.06
N GLY A 419 -3.29 -3.35 -6.82
CA GLY A 419 -2.74 -4.63 -6.46
C GLY A 419 -3.38 -5.29 -5.25
N GLU A 420 -4.57 -4.83 -4.88
CA GLU A 420 -5.29 -5.37 -3.73
C GLU A 420 -5.18 -6.89 -3.64
N GLY A 421 -5.61 -7.57 -4.70
CA GLY A 421 -5.56 -9.01 -4.74
C GLY A 421 -4.20 -9.50 -4.32
N LEU A 422 -3.15 -9.07 -5.01
CA LEU A 422 -1.83 -9.50 -4.61
C LEU A 422 -1.61 -9.18 -3.13
N ALA A 423 -2.02 -7.99 -2.71
CA ALA A 423 -1.86 -7.57 -1.32
C ALA A 423 -2.56 -8.55 -0.37
N ARG A 424 -3.84 -8.82 -0.63
CA ARG A 424 -4.62 -9.75 0.19
C ARG A 424 -4.04 -11.15 0.17
N MET A 425 -3.47 -11.54 -0.97
CA MET A 425 -2.89 -12.86 -1.13
C MET A 425 -1.62 -13.02 -0.30
N GLU A 426 -0.76 -12.00 -0.32
CA GLU A 426 0.47 -12.07 0.47
C GLU A 426 0.16 -12.05 1.98
N LEU A 427 -0.82 -11.26 2.38
CA LEU A 427 -1.14 -11.19 3.80
C LEU A 427 -1.64 -12.51 4.33
N PHE A 428 -2.56 -13.13 3.60
CA PHE A 428 -3.13 -14.40 4.00
C PHE A 428 -2.14 -15.54 3.90
N LEU A 429 -1.40 -15.60 2.80
CA LEU A 429 -0.40 -16.66 2.65
C LEU A 429 0.72 -16.51 3.66
N PHE A 430 1.51 -15.45 3.56
CA PHE A 430 2.62 -15.22 4.50
C PHE A 430 2.24 -15.40 5.96
N LEU A 431 1.11 -14.81 6.36
CA LEU A 431 0.68 -14.93 7.74
C LEU A 431 0.30 -16.34 8.20
N THR A 432 -0.43 -17.08 7.37
CA THR A 432 -0.82 -18.43 7.78
C THR A 432 0.36 -19.38 7.70
N THR A 433 1.20 -19.18 6.69
CA THR A 433 2.38 -20.00 6.49
C THR A 433 3.38 -19.86 7.64
N ILE A 434 3.43 -18.68 8.24
CA ILE A 434 4.34 -18.45 9.37
C ILE A 434 3.74 -19.12 10.60
N LEU A 435 2.51 -18.75 10.95
CA LEU A 435 1.84 -19.31 12.12
C LEU A 435 1.76 -20.82 12.12
N GLN A 436 2.00 -21.42 10.95
CA GLN A 436 1.96 -22.86 10.80
C GLN A 436 3.25 -23.50 11.27
N ASN A 437 4.36 -22.80 11.03
CA ASN A 437 5.69 -23.28 11.38
C ASN A 437 6.31 -22.70 12.65
N PHE A 438 5.69 -21.64 13.18
CA PHE A 438 6.21 -20.98 14.38
C PHE A 438 5.13 -20.51 15.33
N ASN A 439 5.56 -20.20 16.54
CA ASN A 439 4.70 -19.66 17.59
C ASN A 439 5.39 -18.36 17.95
N LEU A 440 4.63 -17.35 18.34
CA LEU A 440 5.23 -16.06 18.61
C LEU A 440 5.55 -15.78 20.09
N LYS A 441 6.82 -15.48 20.36
CA LYS A 441 7.25 -15.21 21.74
C LYS A 441 7.81 -13.82 21.97
N SER A 442 7.29 -13.16 23.01
CA SER A 442 7.72 -11.81 23.37
C SER A 442 8.98 -11.85 24.20
N VAL A 443 9.96 -11.02 23.83
CA VAL A 443 11.23 -10.96 24.55
C VAL A 443 10.95 -10.54 26.00
N ASP A 444 9.98 -9.65 26.17
CA ASP A 444 9.57 -9.14 27.48
C ASP A 444 8.19 -9.64 27.88
N ASP A 445 7.42 -8.77 28.52
CA ASP A 445 6.07 -9.07 28.97
C ASP A 445 5.10 -8.45 27.96
N LEU A 446 4.12 -9.22 27.52
CA LEU A 446 3.14 -8.70 26.57
C LEU A 446 2.55 -7.38 27.02
N LYS A 447 2.27 -7.24 28.31
CA LYS A 447 1.70 -6.01 28.83
C LYS A 447 2.60 -4.82 28.53
N ASN A 448 3.91 -5.06 28.47
CA ASN A 448 4.85 -4.00 28.16
C ASN A 448 4.90 -3.74 26.67
N LEU A 449 4.04 -4.43 25.92
CA LEU A 449 4.03 -4.30 24.46
C LEU A 449 3.05 -3.24 23.92
N ASN A 450 3.61 -2.20 23.31
CA ASN A 450 2.81 -1.12 22.76
C ASN A 450 2.40 -1.40 21.31
N THR A 451 1.14 -1.10 20.97
CA THR A 451 0.66 -1.32 19.61
C THR A 451 0.10 -0.05 18.98
N THR A 452 0.59 1.09 19.45
CA THR A 452 0.17 2.39 18.93
C THR A 452 1.11 2.83 17.84
N ALA A 453 0.53 3.18 16.69
CA ALA A 453 1.31 3.61 15.53
C ALA A 453 1.97 4.98 15.69
N VAL A 454 3.01 5.19 14.90
CA VAL A 454 3.73 6.46 14.86
C VAL A 454 3.37 7.04 13.48
N THR A 455 2.59 8.11 13.46
CA THR A 455 2.16 8.67 12.19
C THR A 455 2.96 9.87 11.73
N LYS A 456 4.24 9.89 12.05
CA LYS A 456 5.11 10.99 11.64
C LYS A 456 5.26 10.92 10.10
N GLY A 457 4.14 10.89 9.38
CA GLY A 457 4.18 10.81 7.93
C GLY A 457 2.93 10.24 7.29
N ILE A 458 2.93 10.24 5.95
CA ILE A 458 1.81 9.75 5.13
C ILE A 458 1.52 8.25 5.29
N VAL A 459 2.54 7.48 5.68
CA VAL A 459 2.37 6.06 5.89
C VAL A 459 2.55 5.78 7.38
N SER A 460 1.43 5.48 8.04
CA SER A 460 1.41 5.15 9.45
C SER A 460 2.30 3.93 9.67
N LEU A 461 3.09 3.93 10.75
CA LEU A 461 3.97 2.79 11.03
C LEU A 461 3.77 2.23 12.43
N PRO A 462 3.90 0.91 12.58
CA PRO A 462 3.74 0.30 13.89
C PRO A 462 4.99 0.58 14.70
N PRO A 463 4.88 0.58 16.03
CA PRO A 463 6.05 0.84 16.87
C PRO A 463 7.08 -0.25 16.63
N SER A 464 8.35 0.06 16.86
CA SER A 464 9.43 -0.90 16.65
C SER A 464 9.41 -1.93 17.77
N TYR A 465 9.61 -3.19 17.43
CA TYR A 465 9.59 -4.22 18.46
C TYR A 465 10.50 -5.37 18.09
N GLN A 466 10.60 -6.33 19.02
CA GLN A 466 11.40 -7.54 18.84
C GLN A 466 10.50 -8.74 19.10
N ILE A 467 10.78 -9.83 18.41
CA ILE A 467 9.96 -11.03 18.55
C ILE A 467 10.82 -12.29 18.41
N CYS A 468 10.35 -13.39 19.00
CA CYS A 468 11.05 -14.67 18.94
C CYS A 468 10.23 -15.69 18.17
N PHE A 469 10.73 -16.12 17.02
CA PHE A 469 10.02 -17.11 16.22
C PHE A 469 10.37 -18.50 16.70
N ILE A 470 9.48 -19.08 17.49
CA ILE A 470 9.69 -20.42 18.04
C ILE A 470 9.09 -21.52 17.18
N PRO A 471 9.93 -22.33 16.52
CA PRO A 471 9.44 -23.41 15.67
C PRO A 471 8.52 -24.33 16.47
N VAL A 472 7.31 -24.53 15.96
CA VAL A 472 6.29 -25.36 16.60
C VAL A 472 6.70 -26.83 16.75
#